data_1G17
#
_entry.id   1G17
#
_cell.length_a   84.504
_cell.length_b   84.504
_cell.length_c   86.469
_cell.angle_alpha   90.00
_cell.angle_beta   90.00
_cell.angle_gamma   120.00
#
_symmetry.space_group_name_H-M   'P 65'
#
loop_
_entity.id
_entity.type
_entity.pdbx_description
1 polymer 'RAS-RELATED PROTEIN SEC4'
2 non-polymer 'MAGNESIUM ION'
3 non-polymer 'PHOSPHOAMINOPHOSPHONIC ACID-GUANYLATE ESTER'
4 water water
#
_entity_poly.entity_id   1
_entity_poly.type   'polypeptide(L)'
_entity_poly.pdbx_seq_one_letter_code
;DSIMKILLIGDSGVGKSCLLVRFVEDKFNPSFITTIGIDFKIKTVDINGKKVKLQIWDTAGQERFRTITTAYYRGAMGII
LVYDITDERTFTNIKQWFKTVNEHANDEAQLLLVGNKSDMETRVVTADQGEALAKELGIPFIESSAKNDDNVNEIFFTLA
KLIQEKIDSN
;
_entity_poly.pdbx_strand_id   A,B
#
loop_
_chem_comp.id
_chem_comp.type
_chem_comp.name
_chem_comp.formula
GNP non-polymer 'PHOSPHOAMINOPHOSPHONIC ACID-GUANYLATE ESTER' 'C10 H17 N6 O13 P3'
MG non-polymer 'MAGNESIUM ION' 'Mg 2'
#
# COMPACT_ATOMS: atom_id res chain seq x y z
N SER A 2 -6.79 -9.07 2.67
CA SER A 2 -6.57 -10.30 3.51
C SER A 2 -6.52 -9.96 5.00
N ILE A 3 -6.59 -11.00 5.82
CA ILE A 3 -6.56 -10.85 7.26
C ILE A 3 -5.32 -11.45 7.90
N MET A 4 -4.51 -10.60 8.54
CA MET A 4 -3.33 -11.09 9.22
C MET A 4 -3.57 -11.02 10.72
N LYS A 5 -3.48 -12.17 11.39
CA LYS A 5 -3.64 -12.24 12.83
C LYS A 5 -2.24 -12.08 13.45
N ILE A 6 -2.06 -11.03 14.25
CA ILE A 6 -0.78 -10.76 14.89
C ILE A 6 -0.87 -10.70 16.42
N LEU A 7 0.10 -11.34 17.08
CA LEU A 7 0.16 -11.38 18.54
C LEU A 7 1.38 -10.67 19.09
N LEU A 8 1.21 -10.04 20.24
CA LEU A 8 2.31 -9.35 20.91
C LEU A 8 2.46 -10.12 22.20
N ILE A 9 3.65 -10.65 22.47
CA ILE A 9 3.86 -11.38 23.70
C ILE A 9 5.14 -10.88 24.34
N GLY A 10 5.32 -11.16 25.62
CA GLY A 10 6.50 -10.72 26.33
C GLY A 10 6.13 -10.44 27.77
N ASP A 11 7.13 -10.25 28.62
CA ASP A 11 6.88 -9.98 30.03
C ASP A 11 6.00 -8.77 30.29
N SER A 12 5.35 -8.77 31.45
CA SER A 12 4.52 -7.65 31.84
C SER A 12 5.42 -6.43 32.03
N GLY A 13 5.01 -5.31 31.45
CA GLY A 13 5.78 -4.08 31.59
C GLY A 13 6.76 -3.72 30.50
N VAL A 14 6.96 -4.59 29.50
CA VAL A 14 7.91 -4.28 28.43
C VAL A 14 7.41 -3.24 27.43
N GLY A 15 6.10 -3.04 27.40
CA GLY A 15 5.57 -2.03 26.50
C GLY A 15 4.69 -2.51 25.36
N LYS A 16 4.21 -3.75 25.44
CA LYS A 16 3.36 -4.28 24.38
C LYS A 16 2.15 -3.38 24.09
N SER A 17 1.41 -3.03 25.13
CA SER A 17 0.24 -2.19 24.94
C SER A 17 0.60 -0.81 24.41
N CYS A 18 1.67 -0.20 24.92
CA CYS A 18 2.06 1.12 24.44
C CYS A 18 2.50 1.13 22.98
N LEU A 19 3.12 0.05 22.52
CA LEU A 19 3.54 0.03 21.13
C LEU A 19 2.28 -0.07 20.28
N LEU A 20 1.30 -0.82 20.77
CA LEU A 20 0.05 -0.99 20.05
C LEU A 20 -0.74 0.32 19.99
N VAL A 21 -0.93 0.96 21.14
CA VAL A 21 -1.64 2.22 21.20
C VAL A 21 -0.97 3.31 20.36
N ARG A 22 0.36 3.36 20.43
CA ARG A 22 1.15 4.33 19.67
C ARG A 22 1.03 4.11 18.16
N PHE A 23 0.83 2.86 17.78
CA PHE A 23 0.73 2.50 16.37
C PHE A 23 -0.67 2.79 15.81
N VAL A 24 -1.68 2.34 16.55
CA VAL A 24 -3.07 2.49 16.14
C VAL A 24 -3.73 3.84 16.46
N GLU A 25 -3.26 4.53 17.50
CA GLU A 25 -3.85 5.81 17.91
C GLU A 25 -2.84 6.93 18.11
N ASP A 26 -1.58 6.68 17.74
CA ASP A 26 -0.51 7.65 17.89
C ASP A 26 -0.51 8.39 19.24
N LYS A 27 -0.67 7.64 20.32
CA LYS A 27 -0.67 8.19 21.67
C LYS A 27 0.33 7.39 22.50
N PHE A 28 0.55 7.81 23.74
CA PHE A 28 1.47 7.12 24.62
C PHE A 28 1.03 7.31 26.06
N ASN A 29 0.70 6.23 26.75
CA ASN A 29 0.30 6.32 28.15
C ASN A 29 1.53 6.18 29.04
N PRO A 30 1.85 7.23 29.83
CA PRO A 30 3.01 7.21 30.72
C PRO A 30 2.75 6.31 31.92
N SER A 31 1.47 6.07 32.19
CA SER A 31 1.09 5.22 33.30
C SER A 31 1.09 3.75 32.90
N PHE A 32 1.15 2.90 33.92
CA PHE A 32 1.17 1.46 33.72
C PHE A 32 -0.25 0.92 33.97
N ILE A 33 -0.93 0.56 32.88
CA ILE A 33 -2.28 0.00 32.96
C ILE A 33 -2.23 -1.41 32.41
N THR A 34 -1.84 -2.35 33.27
CA THR A 34 -1.68 -3.75 32.92
C THR A 34 -2.86 -4.34 32.15
N THR A 35 -2.55 -5.25 31.23
CA THR A 35 -3.57 -5.90 30.39
C THR A 35 -4.09 -7.16 31.05
N ILE A 36 -5.42 -7.27 31.13
CA ILE A 36 -6.07 -8.41 31.77
C ILE A 36 -6.38 -9.50 30.72
N GLY A 37 -5.65 -10.60 30.77
CA GLY A 37 -5.86 -11.69 29.83
C GLY A 37 -5.40 -11.38 28.41
N ILE A 38 -6.20 -10.62 27.68
CA ILE A 38 -5.88 -10.25 26.31
C ILE A 38 -6.70 -9.04 25.87
N ASP A 39 -6.22 -8.38 24.83
CA ASP A 39 -6.91 -7.21 24.26
C ASP A 39 -6.87 -7.40 22.75
N PHE A 40 -7.72 -6.70 22.02
CA PHE A 40 -7.78 -6.86 20.57
C PHE A 40 -8.05 -5.54 19.84
N LYS A 41 -7.24 -5.24 18.83
CA LYS A 41 -7.37 -4.02 18.04
C LYS A 41 -7.11 -4.32 16.57
N ILE A 42 -7.40 -3.35 15.70
CA ILE A 42 -7.21 -3.54 14.26
C ILE A 42 -6.83 -2.25 13.55
N LYS A 43 -6.09 -2.41 12.45
CA LYS A 43 -5.69 -1.28 11.63
C LYS A 43 -5.41 -1.75 10.21
N THR A 44 -5.74 -0.91 9.24
CA THR A 44 -5.54 -1.25 7.84
C THR A 44 -4.21 -0.74 7.34
N VAL A 45 -3.34 -1.70 7.05
CA VAL A 45 -2.01 -1.41 6.56
C VAL A 45 -1.96 -1.60 5.04
N ASP A 46 -1.04 -0.90 4.41
CA ASP A 46 -0.86 -0.97 2.97
C ASP A 46 0.52 -1.50 2.60
N ILE A 47 0.60 -2.80 2.33
CA ILE A 47 1.87 -3.42 1.96
C ILE A 47 2.04 -3.40 0.45
N ASN A 48 2.83 -2.45 -0.04
CA ASN A 48 3.09 -2.31 -1.47
C ASN A 48 1.80 -2.19 -2.27
N GLY A 49 1.02 -1.14 -2.00
CA GLY A 49 -0.23 -0.94 -2.71
C GLY A 49 -1.26 -2.03 -2.47
N LYS A 50 -1.07 -2.83 -1.43
CA LYS A 50 -2.00 -3.92 -1.12
C LYS A 50 -2.52 -3.77 0.31
N LYS A 51 -3.62 -3.02 0.46
CA LYS A 51 -4.24 -2.80 1.76
C LYS A 51 -4.65 -4.09 2.46
N VAL A 52 -4.10 -4.29 3.65
CA VAL A 52 -4.35 -5.47 4.46
C VAL A 52 -4.86 -5.06 5.85
N LYS A 53 -5.73 -5.88 6.43
CA LYS A 53 -6.27 -5.62 7.75
C LYS A 53 -5.48 -6.41 8.77
N LEU A 54 -4.98 -5.71 9.79
CA LEU A 54 -4.21 -6.34 10.85
C LEU A 54 -5.04 -6.41 12.13
N GLN A 55 -5.26 -7.64 12.59
CA GLN A 55 -5.99 -7.90 13.82
C GLN A 55 -4.93 -8.12 14.89
N ILE A 56 -4.68 -7.07 15.66
CA ILE A 56 -3.65 -7.11 16.69
C ILE A 56 -4.15 -7.65 18.02
N TRP A 57 -3.52 -8.73 18.50
CA TRP A 57 -3.90 -9.29 19.80
C TRP A 57 -2.82 -8.94 20.84
N ASP A 58 -3.19 -8.03 21.73
CA ASP A 58 -2.32 -7.56 22.80
C ASP A 58 -2.53 -8.51 23.97
N THR A 59 -1.53 -9.32 24.29
CA THR A 59 -1.65 -10.28 25.38
C THR A 59 -1.16 -9.73 26.72
N ALA A 60 -1.54 -10.42 27.79
CA ALA A 60 -1.14 -10.04 29.13
C ALA A 60 0.22 -10.66 29.41
N GLY A 61 1.11 -9.89 30.04
CA GLY A 61 2.42 -10.41 30.37
C GLY A 61 2.39 -11.10 31.71
N GLN A 62 1.45 -10.72 32.56
CA GLN A 62 1.33 -11.34 33.88
C GLN A 62 1.22 -12.86 33.80
N GLU A 63 1.98 -13.53 34.65
CA GLU A 63 2.02 -14.99 34.72
C GLU A 63 0.66 -15.69 34.85
N ARG A 64 -0.22 -15.13 35.67
CA ARG A 64 -1.54 -15.75 35.89
C ARG A 64 -2.42 -15.77 34.64
N PHE A 65 -2.15 -14.91 33.67
CA PHE A 65 -2.95 -14.87 32.45
C PHE A 65 -2.31 -15.64 31.30
N ARG A 66 -1.05 -16.03 31.47
CA ARG A 66 -0.34 -16.71 30.41
C ARG A 66 -0.90 -18.06 29.96
N THR A 67 -2.13 -18.35 30.34
CA THR A 67 -2.81 -19.58 29.95
C THR A 67 -3.92 -19.18 28.99
N ILE A 68 -4.46 -17.99 29.21
CA ILE A 68 -5.53 -17.45 28.38
C ILE A 68 -4.92 -17.03 27.04
N THR A 69 -3.61 -16.82 27.06
CA THR A 69 -2.87 -16.40 25.89
C THR A 69 -2.43 -17.57 25.02
N THR A 70 -1.62 -18.48 25.58
CA THR A 70 -1.13 -19.64 24.82
C THR A 70 -2.21 -20.26 23.94
N ALA A 71 -3.46 -20.07 24.32
CA ALA A 71 -4.57 -20.61 23.55
C ALA A 71 -4.74 -19.86 22.22
N TYR A 72 -4.30 -18.60 22.18
CA TYR A 72 -4.40 -17.76 20.98
C TYR A 72 -3.21 -17.92 20.02
N TYR A 73 -2.18 -18.65 20.46
CA TYR A 73 -0.99 -18.87 19.66
C TYR A 73 -1.29 -19.56 18.33
N ARG A 74 -1.91 -20.72 18.42
CA ARG A 74 -2.27 -21.48 17.23
C ARG A 74 -3.18 -20.58 16.39
N GLY A 75 -2.82 -20.40 15.12
CA GLY A 75 -3.65 -19.55 14.26
C GLY A 75 -3.10 -18.17 14.02
N ALA A 76 -2.05 -17.78 14.74
CA ALA A 76 -1.45 -16.47 14.56
C ALA A 76 -0.50 -16.53 13.36
N MET A 77 -0.54 -15.53 12.48
CA MET A 77 0.35 -15.51 11.31
C MET A 77 1.66 -14.79 11.67
N GLY A 78 1.56 -13.82 12.58
CA GLY A 78 2.71 -13.06 13.04
C GLY A 78 2.75 -12.99 14.55
N ILE A 79 3.95 -13.13 15.13
CA ILE A 79 4.13 -13.06 16.58
C ILE A 79 5.32 -12.15 16.89
N ILE A 80 5.07 -11.14 17.72
CA ILE A 80 6.09 -10.17 18.11
C ILE A 80 6.50 -10.43 19.56
N LEU A 81 7.76 -10.80 19.75
CA LEU A 81 8.26 -11.05 21.09
C LEU A 81 8.96 -9.76 21.50
N VAL A 82 8.44 -9.12 22.55
CA VAL A 82 8.99 -7.86 23.02
C VAL A 82 9.65 -7.96 24.40
N TYR A 83 10.77 -7.26 24.55
CA TYR A 83 11.47 -7.22 25.84
C TYR A 83 11.79 -5.74 26.07
N ASP A 84 12.21 -5.43 27.29
CA ASP A 84 12.53 -4.07 27.74
C ASP A 84 14.05 -3.92 27.87
N ILE A 85 14.68 -3.09 27.04
CA ILE A 85 16.14 -2.93 27.11
C ILE A 85 16.66 -2.36 28.43
N THR A 86 15.76 -1.93 29.31
CA THR A 86 16.18 -1.41 30.60
C THR A 86 16.02 -2.52 31.64
N ASP A 87 15.46 -3.66 31.23
CA ASP A 87 15.25 -4.76 32.16
C ASP A 87 15.81 -6.07 31.65
N GLU A 88 17.01 -6.41 32.10
CA GLU A 88 17.71 -7.62 31.69
C GLU A 88 16.91 -8.89 31.85
N ARG A 89 16.09 -8.96 32.88
CA ARG A 89 15.28 -10.14 33.12
C ARG A 89 14.26 -10.38 32.01
N THR A 90 13.66 -9.31 31.48
CA THR A 90 12.68 -9.47 30.41
C THR A 90 13.32 -9.99 29.11
N PHE A 91 14.61 -9.70 28.93
CA PHE A 91 15.40 -10.11 27.76
C PHE A 91 15.79 -11.59 27.88
N THR A 92 16.27 -11.98 29.05
CA THR A 92 16.66 -13.37 29.30
C THR A 92 15.45 -14.28 29.15
N ASN A 93 14.28 -13.76 29.51
CA ASN A 93 13.04 -14.52 29.40
C ASN A 93 12.58 -14.75 27.98
N ILE A 94 13.16 -14.04 27.01
CA ILE A 94 12.74 -14.22 25.63
C ILE A 94 12.90 -15.68 25.18
N LYS A 95 13.96 -16.33 25.65
CA LYS A 95 14.21 -17.71 25.30
C LYS A 95 13.04 -18.62 25.70
N GLN A 96 12.47 -18.37 26.87
CA GLN A 96 11.33 -19.17 27.32
C GLN A 96 10.09 -18.83 26.48
N TRP A 97 9.95 -17.57 26.12
CA TRP A 97 8.82 -17.13 25.29
C TRP A 97 8.92 -17.82 23.93
N PHE A 98 10.15 -17.92 23.44
CA PHE A 98 10.41 -18.56 22.15
C PHE A 98 9.93 -20.02 22.16
N LYS A 99 10.28 -20.76 23.21
CA LYS A 99 9.89 -22.17 23.36
C LYS A 99 8.37 -22.26 23.35
N THR A 100 7.73 -21.46 24.20
CA THR A 100 6.28 -21.45 24.28
C THR A 100 5.65 -21.26 22.91
N VAL A 101 6.24 -20.38 22.10
CA VAL A 101 5.73 -20.12 20.75
C VAL A 101 5.82 -21.35 19.86
N ASN A 102 6.96 -22.04 19.88
CA ASN A 102 7.17 -23.23 19.05
C ASN A 102 6.22 -24.38 19.41
N GLU A 103 5.77 -24.39 20.64
CA GLU A 103 4.87 -25.44 21.11
C GLU A 103 3.44 -25.13 20.72
N HIS A 104 3.13 -23.88 20.42
CA HIS A 104 1.75 -23.52 20.11
C HIS A 104 1.46 -22.82 18.80
N ALA A 105 2.46 -22.20 18.19
CA ALA A 105 2.22 -21.49 16.93
C ALA A 105 2.23 -22.41 15.71
N ASN A 106 1.82 -21.86 14.56
CA ASN A 106 1.81 -22.61 13.31
C ASN A 106 3.25 -22.77 12.87
N ASP A 107 3.44 -23.35 11.69
CA ASP A 107 4.78 -23.53 11.16
C ASP A 107 5.13 -22.26 10.40
N GLU A 108 4.18 -21.76 9.62
CA GLU A 108 4.37 -20.56 8.82
C GLU A 108 4.24 -19.23 9.57
N ALA A 109 4.19 -19.30 10.90
CA ALA A 109 4.08 -18.07 11.68
C ALA A 109 5.39 -17.30 11.61
N GLN A 110 5.30 -16.01 11.29
CA GLN A 110 6.48 -15.15 11.18
C GLN A 110 6.76 -14.45 12.52
N LEU A 111 7.94 -14.68 13.09
CA LEU A 111 8.31 -14.05 14.36
C LEU A 111 9.15 -12.78 14.15
N LEU A 112 9.25 -11.98 15.21
CA LEU A 112 10.03 -10.75 15.20
C LEU A 112 10.40 -10.39 16.63
N LEU A 113 11.67 -10.13 16.88
CA LEU A 113 12.11 -9.76 18.22
C LEU A 113 12.22 -8.25 18.33
N VAL A 114 11.64 -7.67 19.38
CA VAL A 114 11.68 -6.23 19.55
C VAL A 114 12.25 -5.79 20.89
N GLY A 115 13.28 -4.96 20.84
CA GLY A 115 13.83 -4.44 22.07
C GLY A 115 13.20 -3.07 22.19
N ASN A 116 12.28 -2.92 23.13
CA ASN A 116 11.55 -1.67 23.32
C ASN A 116 12.15 -0.77 24.42
N LYS A 117 11.83 0.52 24.31
CA LYS A 117 12.28 1.58 25.23
C LYS A 117 13.68 2.09 24.91
N SER A 118 14.04 2.09 23.63
CA SER A 118 15.37 2.55 23.21
C SER A 118 15.64 4.01 23.59
N ASP A 119 14.61 4.67 24.10
CA ASP A 119 14.71 6.07 24.50
C ASP A 119 15.30 6.24 25.90
N MET A 120 15.45 5.14 26.63
CA MET A 120 15.96 5.20 28.01
C MET A 120 17.47 5.14 28.21
N GLU A 121 17.99 6.12 28.95
CA GLU A 121 19.42 6.19 29.22
C GLU A 121 19.79 5.08 30.18
N THR A 122 18.79 4.52 30.84
CA THR A 122 19.01 3.44 31.80
C THR A 122 19.18 2.07 31.13
N ARG A 123 19.31 2.05 29.80
CA ARG A 123 19.47 0.80 29.07
C ARG A 123 20.51 -0.11 29.72
N VAL A 124 20.24 -1.41 29.73
CA VAL A 124 21.16 -2.41 30.30
C VAL A 124 21.41 -3.53 29.30
N VAL A 125 20.56 -3.63 28.29
CA VAL A 125 20.69 -4.64 27.24
C VAL A 125 21.12 -3.85 25.99
N THR A 126 22.29 -4.16 25.45
CA THR A 126 22.80 -3.46 24.27
C THR A 126 22.13 -3.94 22.99
N ALA A 127 22.19 -3.11 21.94
CA ALA A 127 21.63 -3.48 20.64
C ALA A 127 22.32 -4.74 20.12
N ASP A 128 23.63 -4.83 20.33
CA ASP A 128 24.39 -5.99 19.86
C ASP A 128 23.92 -7.25 20.56
N GLN A 129 23.55 -7.13 21.83
CA GLN A 129 23.05 -8.28 22.59
C GLN A 129 21.74 -8.79 21.99
N GLY A 130 20.90 -7.86 21.56
CA GLY A 130 19.63 -8.23 21.00
C GLY A 130 19.83 -8.84 19.63
N GLU A 131 20.77 -8.29 18.87
CA GLU A 131 21.06 -8.81 17.55
C GLU A 131 21.56 -10.22 17.69
N ALA A 132 22.41 -10.46 18.70
CA ALA A 132 22.96 -11.79 18.92
C ALA A 132 21.87 -12.78 19.29
N LEU A 133 20.95 -12.37 20.17
CA LEU A 133 19.88 -13.27 20.56
C LEU A 133 19.03 -13.56 19.33
N ALA A 134 18.84 -12.55 18.50
CA ALA A 134 18.05 -12.70 17.29
C ALA A 134 18.70 -13.70 16.33
N LYS A 135 20.01 -13.61 16.14
CA LYS A 135 20.70 -14.52 15.24
C LYS A 135 20.59 -15.94 15.75
N GLU A 136 20.69 -16.11 17.06
CA GLU A 136 20.62 -17.43 17.67
C GLU A 136 19.23 -18.06 17.56
N LEU A 137 18.19 -17.24 17.63
CA LEU A 137 16.82 -17.75 17.53
C LEU A 137 16.41 -17.89 16.08
N GLY A 138 17.11 -17.21 15.18
CA GLY A 138 16.78 -17.29 13.77
C GLY A 138 15.66 -16.36 13.34
N ILE A 139 15.46 -15.28 14.08
CA ILE A 139 14.40 -14.35 13.73
C ILE A 139 14.88 -12.92 13.57
N PRO A 140 14.12 -12.09 12.84
CA PRO A 140 14.52 -10.69 12.64
C PRO A 140 14.53 -9.89 13.94
N PHE A 141 15.21 -8.74 13.91
CA PHE A 141 15.35 -7.94 15.11
C PHE A 141 15.25 -6.46 14.83
N ILE A 142 14.68 -5.73 15.79
CA ILE A 142 14.54 -4.31 15.68
C ILE A 142 14.33 -3.70 17.08
N GLU A 143 14.87 -2.50 17.29
CA GLU A 143 14.71 -1.80 18.57
C GLU A 143 13.70 -0.69 18.37
N SER A 144 12.90 -0.43 19.38
CA SER A 144 11.88 0.59 19.26
C SER A 144 11.69 1.43 20.52
N SER A 145 10.84 2.44 20.39
CA SER A 145 10.49 3.30 21.50
C SER A 145 9.07 3.78 21.28
N ALA A 146 8.14 3.22 22.04
CA ALA A 146 6.74 3.59 21.93
C ALA A 146 6.55 5.02 22.36
N LYS A 147 7.45 5.49 23.22
CA LYS A 147 7.41 6.83 23.76
C LYS A 147 7.83 7.91 22.77
N ASN A 148 9.03 7.79 22.21
CA ASN A 148 9.53 8.75 21.24
C ASN A 148 9.10 8.39 19.83
N ASP A 149 8.31 7.32 19.72
CA ASP A 149 7.81 6.83 18.45
C ASP A 149 8.93 6.55 17.44
N ASP A 150 9.85 5.66 17.81
CA ASP A 150 10.95 5.27 16.93
C ASP A 150 10.79 3.81 16.57
N ASN A 151 10.76 3.53 15.27
CA ASN A 151 10.62 2.18 14.74
C ASN A 151 9.32 1.48 15.15
N VAL A 152 8.35 2.23 15.62
CA VAL A 152 7.07 1.63 16.03
C VAL A 152 6.30 1.13 14.83
N ASN A 153 6.09 1.99 13.84
CA ASN A 153 5.38 1.57 12.63
C ASN A 153 6.18 0.48 11.91
N GLU A 154 7.50 0.65 11.88
CA GLU A 154 8.38 -0.32 11.22
C GLU A 154 8.17 -1.72 11.72
N ILE A 155 7.92 -1.86 13.01
CA ILE A 155 7.68 -3.16 13.62
C ILE A 155 6.54 -3.86 12.89
N PHE A 156 5.41 -3.18 12.78
CA PHE A 156 4.24 -3.75 12.14
C PHE A 156 4.32 -3.82 10.63
N PHE A 157 4.89 -2.81 9.98
CA PHE A 157 4.99 -2.83 8.53
C PHE A 157 5.88 -3.97 8.07
N THR A 158 7.04 -4.11 8.70
CA THR A 158 7.98 -5.14 8.30
C THR A 158 7.42 -6.53 8.55
N LEU A 159 6.73 -6.73 9.67
CA LEU A 159 6.16 -8.05 9.96
C LEU A 159 5.09 -8.39 8.92
N ALA A 160 4.28 -7.41 8.54
CA ALA A 160 3.22 -7.62 7.55
C ALA A 160 3.88 -8.00 6.23
N LYS A 161 4.89 -7.23 5.81
CA LYS A 161 5.61 -7.49 4.57
C LYS A 161 6.19 -8.91 4.56
N LEU A 162 6.79 -9.33 5.68
CA LEU A 162 7.33 -10.67 5.76
C LEU A 162 6.24 -11.72 5.59
N ILE A 163 5.12 -11.52 6.28
CA ILE A 163 4.00 -12.46 6.19
C ILE A 163 3.42 -12.47 4.77
N GLN A 164 3.31 -11.29 4.16
CA GLN A 164 2.78 -11.19 2.81
C GLN A 164 3.71 -11.89 1.81
N GLU A 165 5.02 -11.66 1.97
CA GLU A 165 6.01 -12.28 1.08
C GLU A 165 5.83 -13.78 1.19
N LYS A 166 5.49 -14.23 2.40
CA LYS A 166 5.28 -15.65 2.65
C LYS A 166 4.01 -16.08 1.89
N ILE A 167 3.01 -15.20 1.87
CA ILE A 167 1.73 -15.45 1.21
C ILE A 167 1.87 -15.66 -0.30
N ASP A 168 2.49 -14.68 -0.97
CA ASP A 168 2.70 -14.76 -2.42
C ASP A 168 3.62 -15.93 -2.74
N SER A 169 3.38 -17.04 -2.04
CA SER A 169 4.14 -18.27 -2.18
C SER A 169 3.24 -19.41 -1.70
N SER B 2 -18.06 7.61 -36.11
CA SER B 2 -18.76 6.69 -35.16
C SER B 2 -18.48 7.08 -33.72
N ILE B 3 -18.29 6.08 -32.85
CA ILE B 3 -18.04 6.35 -31.44
C ILE B 3 -16.94 5.45 -30.87
N MET B 4 -16.10 6.03 -30.01
CA MET B 4 -15.01 5.30 -29.37
C MET B 4 -15.20 5.37 -27.87
N LYS B 5 -15.19 4.22 -27.20
CA LYS B 5 -15.33 4.18 -25.75
C LYS B 5 -13.92 4.23 -25.17
N ILE B 6 -13.65 5.25 -24.36
CA ILE B 6 -12.32 5.43 -23.75
C ILE B 6 -12.38 5.50 -22.23
N LEU B 7 -11.45 4.79 -21.59
CA LEU B 7 -11.37 4.72 -20.13
C LEU B 7 -10.10 5.35 -19.60
N LEU B 8 -10.21 5.99 -18.45
CA LEU B 8 -9.06 6.59 -17.78
C LEU B 8 -8.96 5.80 -16.49
N ILE B 9 -7.81 5.18 -16.22
CA ILE B 9 -7.61 4.44 -14.98
C ILE B 9 -6.26 4.82 -14.37
N GLY B 10 -6.11 4.54 -13.09
CA GLY B 10 -4.87 4.88 -12.40
C GLY B 10 -5.16 5.22 -10.95
N ASP B 11 -4.13 5.31 -10.12
CA ASP B 11 -4.36 5.58 -8.71
C ASP B 11 -5.15 6.86 -8.45
N SER B 12 -5.77 6.91 -7.28
CA SER B 12 -6.54 8.09 -6.89
C SER B 12 -5.55 9.22 -6.73
N GLY B 13 -5.86 10.37 -7.29
CA GLY B 13 -4.98 11.53 -7.17
C GLY B 13 -3.99 11.83 -8.27
N VAL B 14 -3.87 10.95 -9.27
CA VAL B 14 -2.91 11.18 -10.35
C VAL B 14 -3.33 12.25 -11.33
N GLY B 15 -4.62 12.58 -11.34
CA GLY B 15 -5.12 13.63 -12.23
C GLY B 15 -6.02 13.20 -13.38
N LYS B 16 -6.65 12.04 -13.27
CA LYS B 16 -7.51 11.57 -14.35
C LYS B 16 -8.63 12.56 -14.62
N SER B 17 -9.31 12.99 -13.55
CA SER B 17 -10.43 13.92 -13.72
C SER B 17 -9.96 15.28 -14.25
N CYS B 18 -8.81 15.74 -13.79
CA CYS B 18 -8.33 17.03 -14.27
C CYS B 18 -7.90 17.00 -15.75
N LEU B 19 -7.45 15.86 -16.23
CA LEU B 19 -7.03 15.78 -17.62
C LEU B 19 -8.28 15.81 -18.46
N LEU B 20 -9.33 15.16 -17.97
CA LEU B 20 -10.59 15.10 -18.67
C LEU B 20 -11.26 16.47 -18.71
N VAL B 21 -11.36 17.13 -17.55
CA VAL B 21 -11.97 18.45 -17.48
C VAL B 21 -11.23 19.47 -18.33
N ARG B 22 -9.89 19.41 -18.28
CA ARG B 22 -9.04 20.30 -19.04
C ARG B 22 -9.21 20.10 -20.55
N PHE B 23 -9.48 18.86 -20.94
CA PHE B 23 -9.66 18.51 -22.36
C PHE B 23 -11.03 18.89 -22.88
N VAL B 24 -12.06 18.55 -22.12
CA VAL B 24 -13.45 18.82 -22.52
C VAL B 24 -13.98 20.22 -22.18
N GLU B 25 -13.44 20.86 -21.14
CA GLU B 25 -13.91 22.18 -20.74
C GLU B 25 -12.82 23.24 -20.57
N ASP B 26 -11.59 22.87 -20.93
CA ASP B 26 -10.44 23.75 -20.81
C ASP B 26 -10.34 24.49 -19.47
N LYS B 27 -10.58 23.76 -18.39
CA LYS B 27 -10.49 24.32 -17.04
C LYS B 27 -9.55 23.43 -16.24
N PHE B 28 -9.27 23.85 -15.01
CA PHE B 28 -8.42 23.08 -14.13
C PHE B 28 -8.83 23.32 -12.68
N ASN B 29 -9.21 22.26 -11.98
CA ASN B 29 -9.59 22.38 -10.57
C ASN B 29 -8.36 22.15 -9.71
N PRO B 30 -7.95 23.16 -8.93
CA PRO B 30 -6.78 23.05 -8.06
C PRO B 30 -7.09 22.18 -6.85
N SER B 31 -8.38 22.02 -6.57
CA SER B 31 -8.82 21.22 -5.44
C SER B 31 -8.94 19.75 -5.83
N PHE B 32 -8.94 18.90 -4.82
CA PHE B 32 -9.05 17.46 -5.01
C PHE B 32 -10.48 17.05 -4.75
N ILE B 33 -11.21 16.74 -5.81
CA ILE B 33 -12.62 16.31 -5.70
C ILE B 33 -12.70 14.88 -6.24
N THR B 34 -12.37 13.94 -5.38
CA THR B 34 -12.34 12.54 -5.72
C THR B 34 -13.57 12.03 -6.48
N THR B 35 -13.35 11.10 -7.41
CA THR B 35 -14.42 10.52 -8.22
C THR B 35 -15.06 9.31 -7.54
N ILE B 36 -16.38 9.34 -7.42
CA ILE B 36 -17.12 8.24 -6.79
C ILE B 36 -17.56 7.19 -7.82
N GLY B 37 -16.90 6.04 -7.81
CA GLY B 37 -17.24 4.97 -8.73
C GLY B 37 -16.77 5.22 -10.17
N ILE B 38 -17.54 6.05 -10.88
CA ILE B 38 -17.21 6.39 -12.26
C ILE B 38 -17.93 7.65 -12.68
N ASP B 39 -17.42 8.26 -13.76
CA ASP B 39 -17.99 9.48 -14.32
C ASP B 39 -17.98 9.30 -15.83
N PHE B 40 -18.77 10.08 -16.55
CA PHE B 40 -18.87 9.92 -17.99
C PHE B 40 -19.03 11.24 -18.74
N LYS B 41 -18.18 11.49 -19.73
CA LYS B 41 -18.25 12.71 -20.53
C LYS B 41 -18.05 12.39 -22.01
N ILE B 42 -18.29 13.39 -22.87
CA ILE B 42 -18.14 13.18 -24.31
C ILE B 42 -17.64 14.41 -25.04
N LYS B 43 -16.96 14.19 -26.15
CA LYS B 43 -16.45 15.27 -26.98
C LYS B 43 -16.23 14.77 -28.40
N THR B 44 -16.50 15.64 -29.37
CA THR B 44 -16.33 15.28 -30.76
C THR B 44 -14.99 15.71 -31.32
N VAL B 45 -14.22 14.73 -31.79
CA VAL B 45 -12.91 15.00 -32.34
C VAL B 45 -12.95 14.72 -33.84
N ASP B 46 -12.06 15.35 -34.60
CA ASP B 46 -12.00 15.10 -36.03
C ASP B 46 -10.73 14.36 -36.38
N ILE B 47 -10.91 13.14 -36.89
CA ILE B 47 -9.80 12.30 -37.27
C ILE B 47 -9.66 12.32 -38.79
N ASN B 48 -8.77 13.19 -39.27
CA ASN B 48 -8.53 13.33 -40.69
C ASN B 48 -9.86 13.42 -41.44
N GLY B 49 -10.62 14.48 -41.17
CA GLY B 49 -11.90 14.66 -41.84
C GLY B 49 -13.06 14.01 -41.12
N LYS B 50 -12.84 12.80 -40.62
CA LYS B 50 -13.84 12.03 -39.89
C LYS B 50 -14.17 12.60 -38.50
N LYS B 51 -15.43 12.93 -38.27
CA LYS B 51 -15.82 13.46 -36.97
C LYS B 51 -16.18 12.28 -36.07
N VAL B 52 -15.37 12.06 -35.04
CA VAL B 52 -15.62 10.95 -34.12
C VAL B 52 -16.03 11.41 -32.74
N LYS B 53 -16.98 10.69 -32.14
CA LYS B 53 -17.46 11.00 -30.81
C LYS B 53 -16.73 10.14 -29.80
N LEU B 54 -16.12 10.79 -28.82
CA LEU B 54 -15.40 10.08 -27.78
C LEU B 54 -16.22 10.08 -26.49
N GLN B 55 -16.52 8.88 -26.01
CA GLN B 55 -17.26 8.72 -24.77
C GLN B 55 -16.20 8.42 -23.73
N ILE B 56 -15.85 9.43 -22.95
CA ILE B 56 -14.81 9.30 -21.93
C ILE B 56 -15.34 8.82 -20.59
N TRP B 57 -14.80 7.71 -20.10
CA TRP B 57 -15.20 7.19 -18.80
C TRP B 57 -14.10 7.44 -17.78
N ASP B 58 -14.38 8.38 -16.88
CA ASP B 58 -13.46 8.78 -15.83
C ASP B 58 -13.73 7.85 -14.65
N THR B 59 -12.79 6.98 -14.32
CA THR B 59 -12.96 6.03 -13.23
C THR B 59 -12.41 6.49 -11.89
N ALA B 60 -12.86 5.84 -10.82
CA ALA B 60 -12.41 6.18 -9.48
C ALA B 60 -11.11 5.45 -9.19
N GLY B 61 -10.14 6.18 -8.65
CA GLY B 61 -8.86 5.57 -8.31
C GLY B 61 -8.92 4.88 -6.95
N GLN B 62 -9.83 5.34 -6.09
CA GLN B 62 -9.97 4.72 -4.77
C GLN B 62 -10.24 3.21 -4.84
N GLU B 63 -9.51 2.47 -4.02
CA GLU B 63 -9.59 1.02 -3.93
C GLU B 63 -11.01 0.46 -3.77
N ARG B 64 -11.82 1.10 -2.93
CA ARG B 64 -13.18 0.61 -2.70
C ARG B 64 -14.13 0.73 -3.90
N PHE B 65 -13.89 1.74 -4.74
CA PHE B 65 -14.69 2.02 -5.93
C PHE B 65 -14.11 1.39 -7.21
N ARG B 66 -13.08 0.55 -7.06
CA ARG B 66 -12.44 -0.06 -8.20
C ARG B 66 -13.06 -1.36 -8.71
N THR B 67 -14.13 -1.81 -8.06
CA THR B 67 -14.79 -3.02 -8.53
C THR B 67 -15.82 -2.55 -9.57
N ILE B 68 -16.39 -1.38 -9.33
CA ILE B 68 -17.38 -0.80 -10.22
C ILE B 68 -16.72 -0.55 -11.58
N THR B 69 -15.42 -0.29 -11.53
CA THR B 69 -14.66 -0.01 -12.73
C THR B 69 -14.35 -1.23 -13.58
N THR B 70 -13.65 -2.20 -13.02
CA THR B 70 -13.29 -3.40 -13.78
C THR B 70 -14.42 -3.92 -14.65
N ALA B 71 -15.65 -3.62 -14.26
CA ALA B 71 -16.81 -4.06 -15.02
C ALA B 71 -16.93 -3.30 -16.35
N TYR B 72 -16.38 -2.09 -16.40
CA TYR B 72 -16.43 -1.25 -17.60
C TYR B 72 -15.27 -1.53 -18.58
N TYR B 73 -14.29 -2.32 -18.13
CA TYR B 73 -13.13 -2.66 -18.95
C TYR B 73 -13.50 -3.31 -20.27
N ARG B 74 -14.24 -4.41 -20.17
CA ARG B 74 -14.69 -5.13 -21.34
C ARG B 74 -15.50 -4.15 -22.18
N GLY B 75 -15.16 -4.02 -23.45
CA GLY B 75 -15.92 -3.11 -24.29
C GLY B 75 -15.24 -1.76 -24.55
N ALA B 76 -14.18 -1.47 -23.82
CA ALA B 76 -13.48 -0.21 -24.04
C ALA B 76 -12.56 -0.35 -25.26
N MET B 77 -12.58 0.67 -26.13
CA MET B 77 -11.74 0.69 -27.33
C MET B 77 -10.39 1.37 -27.06
N GLY B 78 -10.31 2.11 -25.96
CA GLY B 78 -9.08 2.78 -25.61
C GLY B 78 -8.98 2.88 -24.10
N ILE B 79 -7.80 2.63 -23.56
CA ILE B 79 -7.57 2.69 -22.11
C ILE B 79 -6.31 3.50 -21.82
N ILE B 80 -6.47 4.54 -21.01
CA ILE B 80 -5.37 5.43 -20.64
C ILE B 80 -4.98 5.14 -19.21
N LEU B 81 -3.72 4.71 -19.01
CA LEU B 81 -3.25 4.41 -17.67
C LEU B 81 -2.45 5.62 -17.27
N VAL B 82 -2.86 6.27 -16.19
CA VAL B 82 -2.19 7.48 -15.74
C VAL B 82 -1.52 7.33 -14.39
N TYR B 83 -0.32 7.89 -14.25
CA TYR B 83 0.37 7.89 -12.98
C TYR B 83 0.81 9.35 -12.74
N ASP B 84 1.29 9.61 -11.53
CA ASP B 84 1.73 10.94 -11.09
C ASP B 84 3.26 10.98 -10.99
N ILE B 85 3.93 11.75 -11.87
CA ILE B 85 5.39 11.80 -11.82
C ILE B 85 5.97 12.34 -10.50
N THR B 86 5.13 12.85 -9.63
CA THR B 86 5.63 13.34 -8.34
C THR B 86 5.40 12.27 -7.29
N ASP B 87 4.74 11.17 -7.68
CA ASP B 87 4.45 10.11 -6.72
C ASP B 87 4.88 8.74 -7.25
N GLU B 88 6.06 8.31 -6.80
CA GLU B 88 6.64 7.04 -7.23
C GLU B 88 5.72 5.83 -7.06
N ARG B 89 4.94 5.85 -5.99
CA ARG B 89 4.01 4.75 -5.73
C ARG B 89 2.99 4.56 -6.85
N THR B 90 2.45 5.66 -7.37
CA THR B 90 1.45 5.57 -8.43
C THR B 90 2.04 5.01 -9.74
N PHE B 91 3.35 5.18 -9.92
CA PHE B 91 4.07 4.70 -11.11
C PHE B 91 4.32 3.19 -11.00
N THR B 92 4.80 2.77 -9.84
CA THR B 92 5.07 1.36 -9.59
C THR B 92 3.80 0.58 -9.72
N ASN B 93 2.68 1.19 -9.33
CA ASN B 93 1.37 0.56 -9.41
C ASN B 93 0.83 0.34 -10.80
N ILE B 94 1.46 0.96 -11.80
CA ILE B 94 1.01 0.83 -13.18
C ILE B 94 1.04 -0.62 -13.63
N LYS B 95 2.04 -1.35 -13.18
CA LYS B 95 2.16 -2.76 -13.54
C LYS B 95 0.92 -3.55 -13.13
N GLN B 96 0.40 -3.27 -11.94
CA GLN B 96 -0.80 -3.96 -11.46
C GLN B 96 -2.02 -3.51 -12.28
N TRP B 97 -2.04 -2.23 -12.63
CA TRP B 97 -3.14 -1.73 -13.44
C TRP B 97 -3.11 -2.46 -14.78
N PHE B 98 -1.90 -2.61 -15.32
CA PHE B 98 -1.71 -3.29 -16.60
C PHE B 98 -2.30 -4.70 -16.58
N LYS B 99 -2.01 -5.46 -15.51
CA LYS B 99 -2.53 -6.83 -15.35
C LYS B 99 -4.06 -6.81 -15.34
N THR B 100 -4.61 -5.94 -14.50
CA THR B 100 -6.06 -5.83 -14.39
C THR B 100 -6.68 -5.58 -15.77
N VAL B 101 -6.04 -4.76 -16.58
CA VAL B 101 -6.54 -4.44 -17.93
C VAL B 101 -6.57 -5.67 -18.84
N ASN B 102 -5.50 -6.46 -18.81
CA ASN B 102 -5.40 -7.66 -19.65
C ASN B 102 -6.44 -8.73 -19.27
N GLU B 103 -6.86 -8.71 -18.02
CA GLU B 103 -7.84 -9.68 -17.54
C GLU B 103 -9.25 -9.28 -17.92
N HIS B 104 -9.45 -8.00 -18.21
CA HIS B 104 -10.80 -7.54 -18.52
C HIS B 104 -11.04 -6.83 -19.84
N ALA B 105 -10.00 -6.26 -20.45
CA ALA B 105 -10.17 -5.54 -21.71
C ALA B 105 -10.28 -6.45 -22.93
N ASN B 106 -10.66 -5.87 -24.07
CA ASN B 106 -10.77 -6.62 -25.31
C ASN B 106 -9.35 -6.90 -25.78
N ASP B 107 -9.23 -7.50 -26.95
CA ASP B 107 -7.92 -7.80 -27.51
C ASP B 107 -7.44 -6.58 -28.28
N GLU B 108 -8.37 -6.00 -29.04
CA GLU B 108 -8.08 -4.82 -29.85
C GLU B 108 -8.07 -3.48 -29.10
N ALA B 109 -8.15 -3.53 -27.77
CA ALA B 109 -8.14 -2.29 -26.99
C ALA B 109 -6.77 -1.64 -27.08
N GLN B 110 -6.76 -0.34 -27.40
CA GLN B 110 -5.52 0.41 -27.51
C GLN B 110 -5.16 1.07 -26.19
N LEU B 111 -3.98 0.76 -25.66
CA LEU B 111 -3.54 1.36 -24.39
C LEU B 111 -2.61 2.54 -24.63
N LEU B 112 -2.42 3.33 -23.58
CA LEU B 112 -1.53 4.50 -23.61
C LEU B 112 -1.14 4.82 -22.17
N LEU B 113 0.15 5.01 -21.93
CA LEU B 113 0.65 5.32 -20.60
C LEU B 113 0.90 6.82 -20.52
N VAL B 114 0.37 7.45 -19.47
CA VAL B 114 0.54 8.89 -19.28
C VAL B 114 1.17 9.26 -17.94
N GLY B 115 2.26 10.01 -18.00
CA GLY B 115 2.90 10.48 -16.80
C GLY B 115 2.40 11.91 -16.69
N ASN B 116 1.51 12.15 -15.74
CA ASN B 116 0.89 13.45 -15.55
C ASN B 116 1.55 14.31 -14.47
N LYS B 117 1.33 15.63 -14.59
CA LYS B 117 1.86 16.64 -13.68
C LYS B 117 3.31 16.99 -14.01
N SER B 118 3.64 17.02 -15.30
CA SER B 118 5.01 17.34 -15.72
C SER B 118 5.40 18.77 -15.35
N ASP B 119 4.44 19.52 -14.85
CA ASP B 119 4.67 20.91 -14.46
C ASP B 119 5.33 21.05 -13.07
N MET B 120 5.37 19.95 -12.32
CA MET B 120 5.91 19.96 -10.97
C MET B 120 7.41 19.75 -10.79
N GLU B 121 8.04 20.68 -10.08
CA GLU B 121 9.47 20.63 -9.83
C GLU B 121 9.76 19.49 -8.87
N THR B 122 8.73 19.01 -8.19
CA THR B 122 8.87 17.93 -7.24
C THR B 122 8.90 16.54 -7.90
N ARG B 123 9.03 16.49 -9.23
CA ARG B 123 9.06 15.22 -9.93
C ARG B 123 10.03 14.23 -9.30
N VAL B 124 9.63 12.96 -9.28
CA VAL B 124 10.48 11.92 -8.72
C VAL B 124 10.61 10.79 -9.73
N VAL B 125 9.74 10.77 -10.72
CA VAL B 125 9.78 9.75 -11.77
C VAL B 125 10.26 10.47 -13.03
N THR B 126 11.38 10.03 -13.60
CA THR B 126 11.93 10.70 -14.78
C THR B 126 11.22 10.27 -16.06
N ALA B 127 11.34 11.08 -17.10
CA ALA B 127 10.73 10.76 -18.38
C ALA B 127 11.30 9.43 -18.88
N ASP B 128 12.61 9.26 -18.71
CA ASP B 128 13.25 8.03 -19.16
C ASP B 128 12.67 6.82 -18.44
N GLN B 129 12.35 6.97 -17.16
CA GLN B 129 11.77 5.85 -16.42
C GLN B 129 10.41 5.45 -17.02
N GLY B 130 9.62 6.46 -17.38
CA GLY B 130 8.32 6.20 -17.96
C GLY B 130 8.43 5.58 -19.33
N GLU B 131 9.41 6.03 -20.11
CA GLU B 131 9.62 5.48 -21.43
C GLU B 131 10.02 4.02 -21.29
N ALA B 132 10.87 3.74 -20.31
CA ALA B 132 11.32 2.38 -20.07
C ALA B 132 10.16 1.48 -19.67
N LEU B 133 9.31 1.97 -18.77
CA LEU B 133 8.16 1.16 -18.36
C LEU B 133 7.30 0.94 -19.59
N ALA B 134 7.13 1.99 -20.41
CA ALA B 134 6.31 1.88 -21.61
C ALA B 134 6.86 0.82 -22.59
N LYS B 135 8.18 0.80 -22.79
CA LYS B 135 8.77 -0.18 -23.70
C LYS B 135 8.58 -1.59 -23.19
N GLU B 136 8.64 -1.76 -21.87
CA GLU B 136 8.47 -3.06 -21.24
C GLU B 136 7.03 -3.57 -21.31
N LEU B 137 6.07 -2.67 -21.25
CA LEU B 137 4.66 -3.06 -21.32
C LEU B 137 4.21 -3.20 -22.77
N GLY B 138 4.95 -2.55 -23.68
CA GLY B 138 4.60 -2.62 -25.10
C GLY B 138 3.55 -1.62 -25.52
N ILE B 139 3.45 -0.50 -24.79
CA ILE B 139 2.46 0.51 -25.11
C ILE B 139 3.07 1.91 -25.27
N PRO B 140 2.38 2.80 -25.99
CA PRO B 140 2.90 4.17 -26.18
C PRO B 140 2.99 4.99 -24.91
N PHE B 141 3.80 6.03 -24.96
CA PHE B 141 3.99 6.86 -23.77
C PHE B 141 3.95 8.34 -24.05
N ILE B 142 3.53 9.10 -23.06
CA ILE B 142 3.48 10.55 -23.18
C ILE B 142 3.35 11.18 -21.80
N GLU B 143 3.99 12.31 -21.60
CA GLU B 143 3.90 13.02 -20.34
C GLU B 143 2.97 14.21 -20.53
N SER B 144 2.23 14.55 -19.49
CA SER B 144 1.28 15.67 -19.60
C SER B 144 1.19 16.51 -18.34
N SER B 145 0.43 17.58 -18.46
CA SER B 145 0.18 18.49 -17.35
C SER B 145 -1.20 19.08 -17.56
N ALA B 146 -2.16 18.62 -16.78
CA ALA B 146 -3.52 19.11 -16.89
C ALA B 146 -3.57 20.56 -16.45
N LYS B 147 -2.62 20.93 -15.60
CA LYS B 147 -2.55 22.28 -15.06
C LYS B 147 -2.05 23.31 -16.06
N ASN B 148 -0.88 23.07 -16.66
CA ASN B 148 -0.31 24.00 -17.64
C ASN B 148 -0.77 23.65 -19.04
N ASP B 149 -1.65 22.66 -19.12
CA ASP B 149 -2.21 22.20 -20.39
C ASP B 149 -1.15 21.83 -21.42
N ASP B 150 -0.29 20.88 -21.06
CA ASP B 150 0.75 20.40 -21.97
C ASP B 150 0.46 18.96 -22.32
N ASN B 151 0.38 18.67 -23.61
CA ASN B 151 0.11 17.32 -24.11
C ASN B 151 -1.22 16.74 -23.68
N VAL B 152 -2.13 17.58 -23.17
CA VAL B 152 -3.43 17.08 -22.75
C VAL B 152 -4.26 16.64 -23.98
N ASN B 153 -4.39 17.51 -24.97
CA ASN B 153 -5.15 17.17 -26.18
C ASN B 153 -4.48 16.01 -26.91
N GLU B 154 -3.15 16.05 -26.96
CA GLU B 154 -2.36 15.02 -27.61
C GLU B 154 -2.71 13.65 -27.08
N ILE B 155 -2.94 13.55 -25.78
CA ILE B 155 -3.29 12.28 -25.18
C ILE B 155 -4.49 11.68 -25.90
N PHE B 156 -5.55 12.45 -25.98
CA PHE B 156 -6.78 11.98 -26.60
C PHE B 156 -6.72 11.89 -28.12
N PHE B 157 -6.10 12.86 -28.77
CA PHE B 157 -6.02 12.81 -30.22
C PHE B 157 -5.22 11.61 -30.71
N THR B 158 -4.06 11.37 -30.10
CA THR B 158 -3.22 10.24 -30.49
C THR B 158 -3.91 8.91 -30.24
N LEU B 159 -4.57 8.76 -29.08
CA LEU B 159 -5.26 7.51 -28.77
C LEU B 159 -6.37 7.24 -29.80
N ALA B 160 -7.10 8.30 -30.16
CA ALA B 160 -8.18 8.17 -31.14
C ALA B 160 -7.59 7.75 -32.47
N LYS B 161 -6.52 8.42 -32.90
CA LYS B 161 -5.87 8.10 -34.16
C LYS B 161 -5.42 6.63 -34.18
N LEU B 162 -4.85 6.17 -33.07
CA LEU B 162 -4.40 4.79 -32.99
C LEU B 162 -5.57 3.83 -33.15
N ILE B 163 -6.66 4.11 -32.43
CA ILE B 163 -7.85 3.27 -32.49
C ILE B 163 -8.43 3.30 -33.90
N GLN B 164 -8.46 4.48 -34.52
CA GLN B 164 -9.00 4.62 -35.88
C GLN B 164 -8.14 3.85 -36.88
N GLU B 165 -6.82 3.97 -36.75
CA GLU B 165 -5.91 3.27 -37.64
C GLU B 165 -6.22 1.79 -37.51
N LYS B 166 -6.56 1.38 -36.30
CA LYS B 166 -6.89 -0.01 -36.02
C LYS B 166 -8.16 -0.39 -36.77
N ILE B 167 -9.14 0.50 -36.74
CA ILE B 167 -10.43 0.26 -37.40
C ILE B 167 -10.25 0.00 -38.90
N ASP B 168 -9.13 0.45 -39.47
CA ASP B 168 -8.86 0.23 -40.88
C ASP B 168 -7.95 -0.98 -41.05
N SER B 169 -8.51 -2.17 -40.83
CA SER B 169 -7.76 -3.41 -40.94
C SER B 169 -8.58 -4.58 -40.41
MG MG C . -0.30 -4.57 28.22
PG GNP D . 1.36 -5.87 30.54
O1G GNP D . 1.18 -6.12 31.97
O2G GNP D . 0.08 -5.62 29.91
O3G GNP D . 1.84 -7.24 29.89
N3B GNP D . 2.43 -4.69 30.28
PB GNP D . 2.87 -4.12 28.81
O1B GNP D . 3.94 -4.93 28.16
O2B GNP D . 1.72 -3.93 27.89
O3A GNP D . 3.48 -2.69 29.14
PA GNP D . 2.74 -1.22 28.91
O1A GNP D . 2.59 -0.87 27.46
O2A GNP D . 1.54 -1.18 29.79
O5' GNP D . 3.89 -0.34 29.51
C5' GNP D . 4.16 -0.39 30.91
C4' GNP D . 4.98 0.82 31.34
O4' GNP D . 6.11 1.02 30.43
C3' GNP D . 4.15 2.14 31.32
O3' GNP D . 4.47 2.97 32.48
C2' GNP D . 4.60 2.76 29.99
O2' GNP D . 4.48 4.20 29.94
C1' GNP D . 6.06 2.34 29.90
N9 GNP D . 6.60 2.31 28.51
C8 GNP D . 6.16 1.57 27.44
N7 GNP D . 6.84 1.74 26.36
C5 GNP D . 7.81 2.65 26.70
C6 GNP D . 8.85 3.23 25.91
O6 GNP D . 9.09 3.02 24.73
N1 GNP D . 9.64 4.13 26.64
C2 GNP D . 9.46 4.45 27.98
N2 GNP D . 10.32 5.33 28.51
N3 GNP D . 8.47 3.90 28.72
C4 GNP D . 7.68 3.01 28.02
MG MG E . -11.11 11.75 -10.46
PG GNP F . -9.65 10.09 -8.19
O1G GNP F . -9.84 9.92 -6.74
O2G GNP F . -10.93 10.39 -8.83
O3G GNP F . -9.30 8.66 -8.78
N3B GNP F . -8.51 11.20 -8.47
PB GNP F . -7.96 11.73 -9.94
O1B GNP F . -7.01 10.82 -10.58
O2B GNP F . -9.07 12.09 -10.87
O3A GNP F . -7.18 13.08 -9.59
PA GNP F . -7.71 14.63 -9.80
O1A GNP F . -7.85 14.91 -11.27
O2A GNP F . -8.88 14.91 -8.92
O5' GNP F . -6.45 15.38 -9.25
C5' GNP F . -5.91 15.16 -7.91
C4' GNP F . -5.12 16.37 -7.42
O4' GNP F . -3.96 16.62 -8.26
C3' GNP F . -5.99 17.66 -7.47
O3' GNP F . -5.76 18.51 -6.31
C2' GNP F . -5.54 18.30 -8.77
O2' GNP F . -5.71 19.73 -8.82
C1' GNP F . -4.05 17.93 -8.87
N9 GNP F . -3.57 17.84 -10.30
C8 GNP F . -4.14 17.16 -11.38
N7 GNP F . -3.50 17.25 -12.49
C5 GNP F . -2.42 18.06 -12.17
C6 GNP F . -1.35 18.53 -12.98
O6 GNP F . -1.16 18.31 -14.19
N1 GNP F . -0.45 19.34 -12.26
C2 GNP F . -0.55 19.65 -10.91
N2 GNP F . 0.41 20.42 -10.40
N3 GNP F . -1.56 19.20 -10.14
C4 GNP F . -2.46 18.42 -10.83
#